data_5EN2
#
_entry.id   5EN2
#
_cell.length_a   52.110
_cell.length_b   74.790
_cell.length_c   177.640
_cell.angle_alpha   90.000
_cell.angle_beta   90.000
_cell.angle_gamma   90.000
#
_symmetry.space_group_name_H-M   'P 21 21 21'
#
loop_
_entity.id
_entity.type
_entity.pdbx_description
1 polymer 'GD01 heavy chain'
2 polymer 'GD01 light chain'
3 polymer 'Pre-glycoprotein polyprotein GP complex'
4 branched alpha-D-mannopyranose-(1-3)-[alpha-D-mannopyranose-(1-6)]alpha-D-mannopyranose-(1-6)-[alpha-D-mannopyranose-(1-3)]beta-D-mannopyranose-(1-4)-2-acetamido-2-deoxy-beta-D-glucopyranose-(1-4)-2-acetamido-2-deoxy-beta-D-glucopyranose
5 branched 2-acetamido-2-deoxy-beta-D-glucopyranose-(1-4)-2-acetamido-2-deoxy-beta-D-glucopyranose
6 non-polymer 'CHLORIDE ION'
7 non-polymer 2-acetamido-2-deoxy-beta-D-glucopyranose
8 water water
#
loop_
_entity_poly.entity_id
_entity_poly.type
_entity_poly.pdbx_seq_one_letter_code
_entity_poly.pdbx_strand_id
1 'polypeptide(L)'
;EVKLQQSGAELARPGTSVKLSCKASGYTFTNYWMQWIKQRPGQGLEWIGAVYPGDGDTRFSQKFKGKATLTADKSSSTAY
MQLSSLSSEDSAVYFCARRRVYYGSNYIYALDYWGQGTSVTVSAAKTTAPSVYPLAPVCGDTTGSSVTLGCLVKGYFPEP
VTLTWNSGSLSSGVHTFPAVLQSDLYTLSSSVTVTSSTWPSQSITCNVAHPASSTKVDKKIEPR
;
A
2 'polypeptide(L)'
;DIVMTQSQKFMSTSIGDRVSITCKASQNVGSAVAWYQQKPGQSPKLLIYSASNRYTGVPDRFIGSESGTDFTLTISNMQS
EDLADYFCQQYSSYPLAFGAGTKLELKRADAAPTVSIFPPSSEQLTSGGASVVCFLNNFYPKDINVKWKIDGSERQNGVL
NSWTDQDSKDSTYSMSSTLTLTKDEYERHNSYTCEATHKTSTSPIVKSFNRN
;
B
3 'polypeptide(L)'
;DLPLLCTLNKSHLYIKGGNASFKISFDDIAVLLPEYDVIIQHPADMSWCSKSDDQIWLSQWFMNAVGHDWYLDPPFLCRN
RTKTEGFIFQVNTSKTGINENYAKKFKTGMHHLYREYPDSCLDGKLCLMKAQPTSWPLQCP
;
C
#
loop_
_chem_comp.id
_chem_comp.type
_chem_comp.name
_chem_comp.formula
BMA D-saccharide, beta linking beta-D-mannopyranose 'C6 H12 O6'
CL non-polymer 'CHLORIDE ION' 'Cl -1'
MAN D-saccharide, alpha linking alpha-D-mannopyranose 'C6 H12 O6'
NAG D-saccharide, beta linking 2-acetamido-2-deoxy-beta-D-glucopyranose 'C8 H15 N O6'
#
# COMPACT_ATOMS: atom_id res chain seq x y z
N GLU A 1 7.86 -23.58 -5.23
CA GLU A 1 8.04 -22.13 -5.21
C GLU A 1 6.89 -21.47 -4.46
N VAL A 2 7.17 -20.38 -3.75
CA VAL A 2 6.18 -19.67 -2.93
C VAL A 2 5.25 -18.87 -3.82
N LYS A 3 3.94 -19.05 -3.62
CA LYS A 3 2.96 -18.32 -4.43
C LYS A 3 1.73 -17.99 -3.59
N LEU A 4 1.20 -16.77 -3.78
CA LEU A 4 -0.04 -16.31 -3.12
C LEU A 4 -0.98 -15.92 -4.25
N GLN A 5 -2.08 -16.68 -4.42
CA GLN A 5 -3.04 -16.46 -5.52
C GLN A 5 -4.34 -15.89 -4.97
N GLN A 6 -4.66 -14.65 -5.37
CA GLN A 6 -5.87 -13.99 -4.90
C GLN A 6 -7.04 -14.21 -5.88
N SER A 7 -8.28 -14.13 -5.34
CA SER A 7 -9.55 -14.26 -6.08
C SER A 7 -9.72 -13.04 -7.01
N GLY A 8 -10.61 -13.16 -7.99
CA GLY A 8 -10.79 -12.14 -9.02
C GLY A 8 -11.52 -10.90 -8.54
N ALA A 9 -11.67 -9.93 -9.46
CA ALA A 9 -12.34 -8.65 -9.22
C ALA A 9 -13.76 -8.81 -8.64
N GLU A 10 -14.09 -7.96 -7.69
CA GLU A 10 -15.40 -7.93 -7.02
C GLU A 10 -16.19 -6.69 -7.40
N LEU A 11 -17.50 -6.86 -7.69
CA LEU A 11 -18.42 -5.76 -7.96
C LEU A 11 -19.54 -5.95 -6.92
N ALA A 12 -19.79 -4.93 -6.10
CA ALA A 12 -20.79 -5.08 -5.06
C ALA A 12 -21.61 -3.85 -4.79
N ARG A 13 -22.86 -4.09 -4.42
CA ARG A 13 -23.76 -3.01 -4.10
C ARG A 13 -23.46 -2.41 -2.72
N PRO A 14 -23.77 -1.11 -2.52
CA PRO A 14 -23.59 -0.51 -1.19
C PRO A 14 -24.38 -1.22 -0.09
N GLY A 15 -23.75 -1.41 1.07
CA GLY A 15 -24.33 -2.08 2.23
C GLY A 15 -24.20 -3.59 2.22
N THR A 16 -23.69 -4.18 1.13
CA THR A 16 -23.51 -5.63 1.05
C THR A 16 -22.11 -6.01 1.61
N SER A 17 -21.74 -7.28 1.49
CA SER A 17 -20.45 -7.77 1.93
C SER A 17 -19.81 -8.61 0.82
N VAL A 18 -18.48 -8.70 0.82
CA VAL A 18 -17.71 -9.53 -0.14
C VAL A 18 -16.73 -10.32 0.68
N LYS A 19 -16.33 -11.50 0.19
CA LYS A 19 -15.33 -12.31 0.88
C LYS A 19 -14.20 -12.60 -0.12
N LEU A 20 -13.04 -12.00 0.13
CA LEU A 20 -11.85 -12.16 -0.70
C LEU A 20 -11.02 -13.34 -0.23
N SER A 21 -10.38 -14.05 -1.17
CA SER A 21 -9.56 -15.20 -0.80
C SER A 21 -8.11 -15.07 -1.25
N CYS A 22 -7.22 -15.74 -0.54
CA CYS A 22 -5.80 -15.74 -0.86
C CYS A 22 -5.31 -17.16 -0.58
N LYS A 23 -5.00 -17.92 -1.65
CA LYS A 23 -4.55 -19.29 -1.53
C LYS A 23 -3.03 -19.37 -1.56
N ALA A 24 -2.47 -19.98 -0.54
CA ALA A 24 -1.03 -20.14 -0.43
C ALA A 24 -0.53 -21.49 -0.96
N SER A 25 0.62 -21.47 -1.65
CA SER A 25 1.27 -22.68 -2.18
CA SER A 25 1.26 -22.69 -2.14
C SER A 25 2.77 -22.56 -2.03
N GLY A 26 3.44 -23.72 -1.94
CA GLY A 26 4.90 -23.83 -1.86
C GLY A 26 5.57 -23.63 -0.52
N TYR A 27 4.78 -23.51 0.58
CA TYR A 27 5.32 -23.31 1.94
C TYR A 27 4.37 -23.84 2.99
N THR A 28 4.84 -23.94 4.26
CA THR A 28 4.04 -24.40 5.40
C THR A 28 3.14 -23.24 5.82
N PHE A 29 1.86 -23.31 5.41
CA PHE A 29 0.80 -22.34 5.70
C PHE A 29 0.73 -21.90 7.15
N THR A 30 0.87 -22.87 8.07
CA THR A 30 0.79 -22.65 9.50
C THR A 30 2.04 -22.02 10.10
N ASN A 31 3.09 -21.74 9.30
CA ASN A 31 4.27 -21.06 9.87
C ASN A 31 4.22 -19.56 9.60
N TYR A 32 3.11 -19.09 9.06
CA TYR A 32 2.96 -17.68 8.65
C TYR A 32 1.65 -17.06 9.07
N TRP A 33 1.66 -15.75 9.30
CA TRP A 33 0.48 -14.94 9.53
C TRP A 33 0.17 -14.37 8.14
N MET A 34 -1.08 -14.48 7.69
CA MET A 34 -1.44 -13.87 6.42
C MET A 34 -1.87 -12.42 6.67
N GLN A 35 -1.19 -11.47 6.05
CA GLN A 35 -1.48 -10.05 6.16
C GLN A 35 -2.43 -9.61 5.05
N TRP A 36 -3.20 -8.55 5.31
CA TRP A 36 -4.08 -7.94 4.33
C TRP A 36 -3.78 -6.45 4.29
N ILE A 37 -3.69 -5.88 3.09
CA ILE A 37 -3.34 -4.47 2.90
C ILE A 37 -4.31 -3.86 1.86
N LYS A 38 -4.72 -2.65 2.10
CA LYS A 38 -5.60 -1.93 1.21
C LYS A 38 -4.82 -0.84 0.48
N GLN A 39 -5.17 -0.63 -0.79
CA GLN A 39 -4.60 0.45 -1.59
C GLN A 39 -5.68 1.12 -2.38
N ARG A 40 -6.05 2.35 -1.99
CA ARG A 40 -7.06 3.12 -2.70
C ARG A 40 -6.45 3.78 -3.96
N PRO A 41 -7.26 3.98 -5.06
CA PRO A 41 -6.71 4.53 -6.30
C PRO A 41 -5.87 5.80 -6.12
N GLY A 42 -4.64 5.71 -6.62
CA GLY A 42 -3.64 6.76 -6.55
C GLY A 42 -3.07 7.03 -5.17
N GLN A 43 -3.47 6.22 -4.15
CA GLN A 43 -3.02 6.38 -2.76
C GLN A 43 -1.98 5.30 -2.31
N GLY A 44 -1.59 5.39 -1.02
CA GLY A 44 -0.60 4.47 -0.47
C GLY A 44 -1.16 3.16 0.01
N LEU A 45 -0.31 2.41 0.73
CA LEU A 45 -0.66 1.11 1.30
C LEU A 45 -1.15 1.32 2.72
N GLU A 46 -2.23 0.64 3.08
CA GLU A 46 -2.76 0.74 4.44
C GLU A 46 -2.93 -0.67 5.03
N TRP A 47 -2.20 -0.97 6.12
CA TRP A 47 -2.29 -2.30 6.72
C TRP A 47 -3.66 -2.47 7.38
N ILE A 48 -4.36 -3.58 7.07
CA ILE A 48 -5.71 -3.90 7.61
C ILE A 48 -5.59 -4.75 8.86
N GLY A 49 -4.91 -5.87 8.71
CA GLY A 49 -4.76 -6.84 9.78
C GLY A 49 -4.12 -8.13 9.30
N ALA A 50 -4.06 -9.10 10.20
CA ALA A 50 -3.49 -10.40 9.91
C ALA A 50 -4.23 -11.50 10.66
N VAL A 51 -4.10 -12.70 10.13
CA VAL A 51 -4.69 -13.92 10.68
C VAL A 51 -3.63 -14.98 10.76
N TYR A 52 -3.65 -15.72 11.86
CA TYR A 52 -2.81 -16.87 12.11
C TYR A 52 -3.64 -18.12 11.83
N PRO A 53 -3.24 -18.98 10.86
CA PRO A 53 -4.11 -20.12 10.51
C PRO A 53 -4.19 -21.26 11.52
N GLY A 54 -3.24 -21.33 12.45
CA GLY A 54 -3.21 -22.36 13.49
C GLY A 54 -4.49 -22.43 14.30
N ASP A 55 -4.96 -21.28 14.80
CA ASP A 55 -6.21 -21.22 15.57
C ASP A 55 -7.10 -20.05 15.19
N GLY A 56 -6.75 -19.37 14.09
CA GLY A 56 -7.54 -18.23 13.66
C GLY A 56 -7.34 -16.97 14.47
N ASP A 57 -6.28 -16.87 15.29
CA ASP A 57 -5.99 -15.62 16.03
C ASP A 57 -5.81 -14.45 15.03
N THR A 58 -6.22 -13.24 15.45
CA THR A 58 -6.17 -12.07 14.57
C THR A 58 -5.49 -10.87 15.21
N ARG A 59 -5.06 -9.95 14.33
CA ARG A 59 -4.49 -8.65 14.67
C ARG A 59 -5.09 -7.65 13.73
N PHE A 60 -5.51 -6.50 14.25
CA PHE A 60 -6.12 -5.52 13.37
C PHE A 60 -5.56 -4.18 13.57
N SER A 61 -5.71 -3.35 12.53
CA SER A 61 -5.52 -1.91 12.59
C SER A 61 -6.88 -1.43 13.21
N GLN A 62 -6.85 -0.49 14.14
CA GLN A 62 -8.07 0.05 14.80
C GLN A 62 -9.17 0.47 13.81
N LYS A 63 -8.80 1.10 12.71
CA LYS A 63 -9.75 1.56 11.70
C LYS A 63 -10.58 0.44 11.10
N PHE A 64 -9.99 -0.76 10.92
CA PHE A 64 -10.70 -1.83 10.22
C PHE A 64 -11.50 -2.75 11.12
N LYS A 65 -11.46 -2.55 12.47
CA LYS A 65 -12.28 -3.34 13.39
C LYS A 65 -13.74 -2.91 13.13
N GLY A 66 -14.58 -3.90 12.82
CA GLY A 66 -15.98 -3.69 12.46
C GLY A 66 -16.18 -3.61 10.96
N LYS A 67 -15.08 -3.57 10.18
CA LYS A 67 -15.14 -3.54 8.72
C LYS A 67 -14.70 -4.90 8.13
N ALA A 68 -13.52 -5.39 8.56
CA ALA A 68 -12.91 -6.63 8.05
C ALA A 68 -12.98 -7.77 9.01
N THR A 69 -13.29 -8.97 8.50
CA THR A 69 -13.34 -10.22 9.25
C THR A 69 -12.31 -11.14 8.59
N LEU A 70 -11.33 -11.59 9.35
CA LEU A 70 -10.23 -12.42 8.86
C LEU A 70 -10.29 -13.85 9.36
N THR A 71 -10.30 -14.78 8.42
CA THR A 71 -10.34 -16.20 8.71
C THR A 71 -9.32 -16.93 7.84
N ALA A 72 -9.08 -18.20 8.15
CA ALA A 72 -8.19 -19.04 7.36
C ALA A 72 -8.66 -20.49 7.43
N ASP A 73 -8.51 -21.23 6.32
CA ASP A 73 -8.81 -22.65 6.25
C ASP A 73 -7.48 -23.39 5.99
N LYS A 74 -6.97 -24.07 7.02
CA LYS A 74 -5.70 -24.82 7.01
C LYS A 74 -5.74 -25.93 5.97
N SER A 75 -6.88 -26.62 5.83
CA SER A 75 -7.02 -27.73 4.87
C SER A 75 -6.82 -27.29 3.42
N SER A 76 -7.40 -26.12 3.05
CA SER A 76 -7.24 -25.58 1.70
C SER A 76 -6.11 -24.55 1.57
N SER A 77 -5.35 -24.27 2.67
CA SER A 77 -4.20 -23.29 2.69
C SER A 77 -4.70 -21.96 2.15
N THR A 78 -5.89 -21.55 2.59
CA THR A 78 -6.52 -20.32 2.13
C THR A 78 -6.87 -19.38 3.27
N ALA A 79 -6.55 -18.08 3.08
CA ALA A 79 -6.92 -17.05 4.04
C ALA A 79 -8.04 -16.27 3.38
N TYR A 80 -8.96 -15.75 4.18
CA TYR A 80 -10.11 -14.99 3.70
C TYR A 80 -10.27 -13.67 4.38
N MET A 81 -10.74 -12.70 3.62
CA MET A 81 -11.05 -11.42 4.22
C MET A 81 -12.44 -11.04 3.81
N GLN A 82 -13.33 -10.93 4.78
CA GLN A 82 -14.69 -10.48 4.51
C GLN A 82 -14.79 -9.02 4.81
N LEU A 83 -15.29 -8.23 3.84
CA LEU A 83 -15.49 -6.80 4.02
C LEU A 83 -17.00 -6.59 4.11
N SER A 84 -17.47 -6.00 5.22
CA SER A 84 -18.90 -5.79 5.50
C SER A 84 -19.39 -4.37 5.32
N SER A 85 -20.75 -4.22 5.20
CA SER A 85 -21.46 -2.96 5.00
C SER A 85 -20.72 -2.03 4.03
N LEU A 86 -20.51 -2.53 2.82
CA LEU A 86 -19.70 -1.86 1.81
C LEU A 86 -20.14 -0.45 1.44
N SER A 87 -19.17 0.48 1.36
CA SER A 87 -19.43 1.87 0.91
C SER A 87 -18.36 2.28 -0.10
N SER A 88 -18.50 3.47 -0.70
CA SER A 88 -17.58 3.95 -1.73
C SER A 88 -16.11 3.95 -1.30
N GLU A 89 -15.83 4.17 0.00
CA GLU A 89 -14.51 4.23 0.62
C GLU A 89 -13.83 2.84 0.59
N ASP A 90 -14.65 1.78 0.43
CA ASP A 90 -14.13 0.40 0.33
C ASP A 90 -13.67 0.03 -1.07
N SER A 91 -13.96 0.87 -2.08
CA SER A 91 -13.52 0.59 -3.45
C SER A 91 -11.97 0.79 -3.47
N ALA A 92 -11.24 -0.29 -3.75
CA ALA A 92 -9.78 -0.30 -3.66
C ALA A 92 -9.25 -1.60 -4.20
N VAL A 93 -7.91 -1.75 -4.15
CA VAL A 93 -7.23 -3.00 -4.48
C VAL A 93 -6.76 -3.49 -3.13
N TYR A 94 -6.96 -4.76 -2.87
CA TYR A 94 -6.60 -5.39 -1.61
C TYR A 94 -5.57 -6.44 -1.89
N PHE A 95 -4.46 -6.41 -1.16
CA PHE A 95 -3.40 -7.39 -1.29
C PHE A 95 -3.31 -8.25 -0.05
N CYS A 96 -2.92 -9.52 -0.22
CA CYS A 96 -2.52 -10.39 0.88
C CYS A 96 -1.00 -10.50 0.76
N ALA A 97 -0.31 -10.72 1.88
CA ALA A 97 1.13 -10.92 1.93
C ALA A 97 1.38 -11.82 3.14
N ARG A 98 2.48 -12.55 3.14
CA ARG A 98 2.79 -13.40 4.30
C ARG A 98 3.86 -12.76 5.23
N ARG A 99 3.84 -13.14 6.52
CA ARG A 99 4.84 -12.72 7.50
C ARG A 99 5.08 -13.93 8.42
N ARG A 100 6.35 -14.37 8.53
CA ARG A 100 6.68 -15.54 9.35
C ARG A 100 6.33 -15.42 10.80
N VAL A 101 5.84 -16.55 11.37
CA VAL A 101 5.65 -16.71 12.82
C VAL A 101 7.08 -16.52 13.40
N TYR A 102 7.20 -15.77 14.52
CA TYR A 102 8.52 -15.58 15.14
C TYR A 102 9.14 -16.86 15.68
N TYR A 103 10.39 -17.12 15.30
CA TYR A 103 11.18 -18.25 15.80
C TYR A 103 12.65 -17.90 15.74
N GLY A 104 13.07 -17.08 16.69
CA GLY A 104 14.44 -16.61 16.81
C GLY A 104 14.74 -15.48 15.83
N SER A 105 15.95 -14.93 15.94
CA SER A 105 16.37 -13.74 15.20
C SER A 105 16.69 -13.97 13.73
N ASN A 106 16.82 -15.21 13.29
CA ASN A 106 17.43 -15.47 11.98
C ASN A 106 16.49 -15.84 10.86
N TYR A 107 15.36 -15.12 10.79
CA TYR A 107 14.39 -15.17 9.72
C TYR A 107 14.06 -13.74 9.31
N ILE A 108 13.45 -13.58 8.15
CA ILE A 108 13.03 -12.27 7.71
C ILE A 108 11.61 -12.09 8.21
N TYR A 109 11.33 -10.98 8.90
CA TYR A 109 10.00 -10.71 9.44
C TYR A 109 9.25 -9.58 8.69
N ALA A 110 9.82 -9.17 7.54
CA ALA A 110 9.18 -8.21 6.64
C ALA A 110 8.21 -9.05 5.72
N LEU A 111 7.46 -8.39 4.82
CA LEU A 111 6.50 -9.12 3.96
C LEU A 111 7.20 -9.50 2.66
N ASP A 112 7.77 -10.70 2.62
CA ASP A 112 8.61 -11.13 1.48
C ASP A 112 7.84 -11.54 0.21
N TYR A 113 6.65 -12.11 0.35
CA TYR A 113 5.82 -12.54 -0.77
C TYR A 113 4.44 -11.95 -0.64
N TRP A 114 3.87 -11.53 -1.78
CA TRP A 114 2.58 -10.84 -1.85
C TRP A 114 1.72 -11.45 -2.92
N GLY A 115 0.39 -11.36 -2.74
CA GLY A 115 -0.55 -11.77 -3.77
C GLY A 115 -0.60 -10.69 -4.86
N GLN A 116 -1.29 -10.97 -5.98
CA GLN A 116 -1.36 -10.03 -7.12
C GLN A 116 -2.39 -8.86 -6.92
N GLY A 117 -3.17 -8.92 -5.85
CA GLY A 117 -4.18 -7.90 -5.58
C GLY A 117 -5.55 -8.29 -6.12
N THR A 118 -6.60 -7.87 -5.40
CA THR A 118 -8.00 -8.05 -5.78
C THR A 118 -8.67 -6.67 -5.71
N SER A 119 -9.32 -6.30 -6.79
CA SER A 119 -10.08 -5.07 -6.97
C SER A 119 -11.50 -5.28 -6.44
N VAL A 120 -12.01 -4.32 -5.68
CA VAL A 120 -13.38 -4.28 -5.16
C VAL A 120 -13.96 -2.94 -5.61
N THR A 121 -15.13 -2.97 -6.28
CA THR A 121 -15.79 -1.75 -6.73
C THR A 121 -17.18 -1.73 -6.15
N VAL A 122 -17.52 -0.67 -5.43
CA VAL A 122 -18.81 -0.52 -4.80
C VAL A 122 -19.65 0.44 -5.63
N SER A 123 -20.80 -0.04 -6.10
CA SER A 123 -21.72 0.75 -6.90
C SER A 123 -23.11 0.14 -6.86
N ALA A 124 -24.12 1.00 -6.93
CA ALA A 124 -25.54 0.60 -6.97
C ALA A 124 -25.93 0.17 -8.41
N ALA A 125 -25.08 0.47 -9.41
CA ALA A 125 -25.37 0.21 -10.82
C ALA A 125 -25.38 -1.23 -11.27
N LYS A 126 -26.24 -1.51 -12.25
CA LYS A 126 -26.34 -2.78 -12.97
C LYS A 126 -25.43 -2.58 -14.20
N THR A 127 -25.09 -3.66 -14.92
CA THR A 127 -24.31 -3.56 -16.16
C THR A 127 -25.00 -2.57 -17.12
N THR A 128 -24.31 -1.48 -17.48
CA THR A 128 -24.87 -0.45 -18.36
C THR A 128 -23.88 -0.16 -19.47
N ALA A 129 -24.37 -0.14 -20.71
CA ALA A 129 -23.54 0.17 -21.86
C ALA A 129 -23.18 1.68 -21.84
N PRO A 130 -22.02 2.10 -22.41
CA PRO A 130 -21.70 3.52 -22.40
C PRO A 130 -22.39 4.33 -23.51
N SER A 131 -22.54 5.63 -23.28
CA SER A 131 -22.95 6.59 -24.29
C SER A 131 -21.60 7.12 -24.82
N VAL A 132 -21.43 7.20 -26.13
CA VAL A 132 -20.16 7.61 -26.74
C VAL A 132 -20.45 8.84 -27.56
N TYR A 133 -19.76 9.93 -27.23
CA TYR A 133 -19.98 11.24 -27.84
C TYR A 133 -18.75 11.75 -28.57
N PRO A 134 -18.91 12.07 -29.87
CA PRO A 134 -17.77 12.59 -30.64
C PRO A 134 -17.56 14.06 -30.30
N LEU A 135 -16.29 14.49 -30.07
CA LEU A 135 -16.02 15.89 -29.72
C LEU A 135 -15.20 16.57 -30.80
N ALA A 136 -15.89 17.37 -31.61
CA ALA A 136 -15.30 18.14 -32.68
C ALA A 136 -14.84 19.49 -32.14
N PRO A 137 -13.81 20.15 -32.73
CA PRO A 137 -13.39 21.48 -32.25
C PRO A 137 -14.51 22.53 -32.18
N VAL A 138 -14.34 23.48 -31.25
CA VAL A 138 -15.25 24.57 -30.92
C VAL A 138 -15.54 25.51 -32.12
N GLY A 144 -5.00 26.73 -35.82
CA GLY A 144 -3.60 26.52 -35.50
C GLY A 144 -2.89 25.54 -36.42
N SER A 145 -1.72 25.04 -35.99
CA SER A 145 -0.93 24.07 -36.76
C SER A 145 -1.49 22.66 -36.55
N SER A 146 -2.00 22.39 -35.34
CA SER A 146 -2.57 21.11 -34.98
C SER A 146 -4.02 21.23 -34.52
N VAL A 147 -4.77 20.14 -34.64
CA VAL A 147 -6.18 20.10 -34.19
C VAL A 147 -6.32 19.02 -33.14
N THR A 148 -7.16 19.26 -32.12
CA THR A 148 -7.43 18.26 -31.08
C THR A 148 -8.89 17.86 -31.19
N LEU A 149 -9.14 16.57 -31.28
CA LEU A 149 -10.48 15.99 -31.31
C LEU A 149 -10.63 15.18 -30.05
N GLY A 150 -11.85 14.94 -29.65
CA GLY A 150 -12.09 14.14 -28.47
C GLY A 150 -13.18 13.11 -28.63
N CYS A 151 -13.31 12.29 -27.60
CA CYS A 151 -14.32 11.26 -27.54
C CYS A 151 -14.68 11.16 -26.06
N LEU A 152 -15.96 11.29 -25.74
CA LEU A 152 -16.46 11.26 -24.38
C LEU A 152 -17.29 9.98 -24.19
N VAL A 153 -16.94 9.17 -23.19
CA VAL A 153 -17.61 7.87 -22.93
C VAL A 153 -18.24 8.01 -21.55
N LYS A 154 -19.57 8.01 -21.47
CA LYS A 154 -20.27 8.26 -20.22
C LYS A 154 -21.35 7.22 -19.83
N GLY A 155 -21.66 7.19 -18.52
CA GLY A 155 -22.76 6.41 -17.96
C GLY A 155 -22.69 4.90 -18.01
N TYR A 156 -21.47 4.34 -17.99
CA TYR A 156 -21.29 2.90 -18.05
C TYR A 156 -20.86 2.24 -16.74
N PHE A 157 -21.07 0.92 -16.68
CA PHE A 157 -20.65 0.09 -15.58
C PHE A 157 -20.66 -1.37 -16.02
N PRO A 158 -19.65 -2.19 -15.67
CA PRO A 158 -18.43 -1.85 -14.92
C PRO A 158 -17.28 -1.51 -15.85
N GLU A 159 -16.10 -1.37 -15.28
CA GLU A 159 -14.89 -1.26 -16.05
C GLU A 159 -14.56 -2.69 -16.54
N PRO A 160 -13.81 -2.84 -17.65
CA PRO A 160 -13.23 -1.79 -18.50
C PRO A 160 -13.98 -1.55 -19.82
N VAL A 161 -13.62 -0.47 -20.49
CA VAL A 161 -13.97 -0.14 -21.85
C VAL A 161 -12.62 -0.09 -22.57
N THR A 162 -12.59 -0.44 -23.86
CA THR A 162 -11.40 -0.35 -24.70
C THR A 162 -11.71 0.75 -25.70
N LEU A 163 -10.96 1.85 -25.64
CA LEU A 163 -11.16 2.96 -26.56
C LEU A 163 -9.95 3.04 -27.47
N THR A 164 -10.19 3.13 -28.79
CA THR A 164 -9.11 3.28 -29.77
C THR A 164 -9.55 4.30 -30.79
N TRP A 165 -8.61 4.80 -31.58
CA TRP A 165 -8.88 5.75 -32.65
C TRP A 165 -8.53 5.08 -33.96
N ASN A 166 -9.47 5.09 -34.91
CA ASN A 166 -9.28 4.42 -36.22
C ASN A 166 -8.82 2.97 -36.06
N SER A 167 -9.48 2.23 -35.17
CA SER A 167 -9.19 0.82 -34.85
C SER A 167 -7.76 0.59 -34.34
N GLY A 168 -7.19 1.63 -33.72
CA GLY A 168 -5.84 1.59 -33.17
C GLY A 168 -4.75 1.98 -34.14
N SER A 169 -5.12 2.36 -35.39
CA SER A 169 -4.15 2.80 -36.40
C SER A 169 -3.65 4.23 -36.15
N LEU A 170 -4.41 5.01 -35.38
CA LEU A 170 -4.06 6.37 -34.97
C LEU A 170 -3.69 6.24 -33.47
N SER A 171 -2.39 6.07 -33.20
CA SER A 171 -1.90 5.82 -31.84
C SER A 171 -1.06 6.95 -31.27
N SER A 172 -0.37 7.70 -32.14
CA SER A 172 0.44 8.85 -31.72
C SER A 172 -0.47 10.04 -31.46
N GLY A 173 -0.07 10.88 -30.50
CA GLY A 173 -0.81 12.06 -30.10
C GLY A 173 -2.13 11.80 -29.41
N VAL A 174 -2.28 10.59 -28.84
CA VAL A 174 -3.51 10.18 -28.15
C VAL A 174 -3.32 10.22 -26.62
N HIS A 175 -4.32 10.78 -25.92
CA HIS A 175 -4.37 10.72 -24.46
C HIS A 175 -5.71 10.11 -24.04
N THR A 176 -5.67 8.89 -23.51
CA THR A 176 -6.86 8.22 -23.01
C THR A 176 -6.76 8.30 -21.49
N PHE A 177 -7.71 8.98 -20.90
CA PHE A 177 -7.65 9.23 -19.46
C PHE A 177 -8.23 8.08 -18.65
N PRO A 178 -7.68 7.82 -17.44
CA PRO A 178 -8.24 6.74 -16.58
C PRO A 178 -9.71 6.98 -16.30
N ALA A 179 -10.53 5.92 -16.29
CA ALA A 179 -11.97 6.07 -16.02
C ALA A 179 -12.19 6.50 -14.60
N VAL A 180 -13.20 7.32 -14.36
CA VAL A 180 -13.54 7.83 -13.02
C VAL A 180 -14.99 7.43 -12.67
N LEU A 181 -15.19 6.85 -11.47
CA LEU A 181 -16.52 6.45 -11.00
C LEU A 181 -17.14 7.63 -10.26
N GLN A 182 -18.33 8.04 -10.69
CA GLN A 182 -19.05 9.15 -10.07
C GLN A 182 -20.53 8.83 -10.13
N SER A 183 -21.22 8.96 -8.98
CA SER A 183 -22.66 8.65 -8.88
C SER A 183 -22.99 7.29 -9.51
N ASP A 184 -22.18 6.26 -9.14
CA ASP A 184 -22.32 4.84 -9.51
C ASP A 184 -21.95 4.46 -10.94
N LEU A 185 -21.59 5.43 -11.80
CA LEU A 185 -21.29 5.17 -13.20
C LEU A 185 -19.93 5.75 -13.58
N TYR A 186 -19.34 5.20 -14.62
CA TYR A 186 -18.04 5.65 -15.09
C TYR A 186 -18.12 6.63 -16.22
N THR A 187 -17.12 7.51 -16.24
CA THR A 187 -16.84 8.44 -17.33
C THR A 187 -15.40 8.19 -17.74
N LEU A 188 -15.14 8.22 -19.05
CA LEU A 188 -13.81 8.09 -19.61
C LEU A 188 -13.75 9.08 -20.79
N SER A 189 -12.58 9.63 -21.05
CA SER A 189 -12.45 10.56 -22.18
C SER A 189 -11.11 10.31 -22.83
N SER A 190 -11.00 10.68 -24.11
CA SER A 190 -9.77 10.55 -24.87
C SER A 190 -9.67 11.70 -25.84
N SER A 191 -8.44 12.20 -26.06
CA SER A 191 -8.18 13.25 -27.03
C SER A 191 -7.18 12.71 -28.02
N VAL A 192 -7.23 13.22 -29.24
CA VAL A 192 -6.27 12.90 -30.29
C VAL A 192 -5.90 14.21 -30.96
N THR A 193 -4.60 14.44 -31.10
CA THR A 193 -4.06 15.64 -31.74
C THR A 193 -3.36 15.26 -33.04
N VAL A 194 -3.79 15.89 -34.14
CA VAL A 194 -3.22 15.61 -35.45
C VAL A 194 -2.86 16.94 -36.15
N THR A 195 -2.07 16.90 -37.24
CA THR A 195 -1.75 18.14 -37.99
C THR A 195 -3.03 18.66 -38.64
N SER A 196 -3.08 19.96 -38.94
CA SER A 196 -4.21 20.60 -39.64
C SER A 196 -4.41 19.93 -41.04
N SER A 197 -3.32 19.37 -41.64
CA SER A 197 -3.36 18.67 -42.94
C SER A 197 -4.01 17.28 -42.85
N THR A 198 -4.02 16.66 -41.64
CA THR A 198 -4.56 15.33 -41.38
C THR A 198 -6.10 15.30 -41.29
N TRP A 199 -6.72 16.24 -40.54
CA TRP A 199 -8.17 16.26 -40.33
C TRP A 199 -8.77 17.63 -40.65
N PRO A 200 -10.01 17.73 -41.23
CA PRO A 200 -10.96 16.67 -41.58
C PRO A 200 -10.76 15.98 -42.94
N SER A 201 -9.65 16.23 -43.68
CA SER A 201 -9.41 15.56 -44.97
C SER A 201 -9.43 14.03 -44.83
N GLN A 202 -8.78 13.48 -43.79
CA GLN A 202 -8.80 12.04 -43.50
C GLN A 202 -9.82 11.78 -42.37
N SER A 203 -10.57 10.67 -42.45
CA SER A 203 -11.59 10.36 -41.44
C SER A 203 -10.97 9.89 -40.14
N ILE A 204 -11.52 10.35 -39.01
CA ILE A 204 -11.06 9.95 -37.67
C ILE A 204 -12.30 9.51 -36.89
N THR A 205 -12.29 8.27 -36.42
CA THR A 205 -13.41 7.67 -35.67
C THR A 205 -12.90 7.15 -34.31
N CYS A 206 -13.71 7.37 -33.26
CA CYS A 206 -13.47 6.84 -31.92
C CYS A 206 -14.19 5.48 -31.87
N ASN A 207 -13.51 4.42 -31.42
CA ASN A 207 -14.10 3.07 -31.26
C ASN A 207 -14.13 2.75 -29.77
N VAL A 208 -15.28 2.29 -29.30
CA VAL A 208 -15.43 1.95 -27.88
C VAL A 208 -16.04 0.54 -27.77
N ALA A 209 -15.34 -0.34 -27.05
CA ALA A 209 -15.81 -1.70 -26.77
C ALA A 209 -16.04 -1.82 -25.27
N HIS A 210 -17.21 -2.36 -24.86
CA HIS A 210 -17.56 -2.61 -23.47
C HIS A 210 -18.03 -4.08 -23.46
N PRO A 211 -17.13 -5.05 -23.12
CA PRO A 211 -17.52 -6.47 -23.21
C PRO A 211 -18.60 -6.89 -22.23
N ALA A 212 -18.61 -6.29 -21.02
CA ALA A 212 -19.61 -6.58 -19.99
C ALA A 212 -21.05 -6.40 -20.49
N SER A 213 -21.30 -5.39 -21.38
CA SER A 213 -22.63 -5.14 -21.99
C SER A 213 -22.69 -5.70 -23.41
N SER A 214 -21.58 -6.29 -23.89
CA SER A 214 -21.42 -6.83 -25.24
C SER A 214 -21.72 -5.79 -26.33
N THR A 215 -21.15 -4.57 -26.16
CA THR A 215 -21.37 -3.45 -27.08
C THR A 215 -20.06 -2.97 -27.72
N LYS A 216 -20.13 -2.56 -28.99
CA LYS A 216 -19.00 -2.03 -29.76
C LYS A 216 -19.57 -0.85 -30.54
N VAL A 217 -19.12 0.39 -30.24
CA VAL A 217 -19.66 1.60 -30.86
C VAL A 217 -18.55 2.39 -31.55
N ASP A 218 -18.78 2.83 -32.80
CA ASP A 218 -17.91 3.72 -33.58
C ASP A 218 -18.57 5.09 -33.70
N LYS A 219 -17.82 6.17 -33.42
CA LYS A 219 -18.27 7.54 -33.57
C LYS A 219 -17.27 8.33 -34.40
N LYS A 220 -17.64 8.64 -35.64
CA LYS A 220 -16.80 9.41 -36.56
C LYS A 220 -16.83 10.87 -36.09
N ILE A 221 -15.65 11.53 -36.05
CA ILE A 221 -15.57 12.95 -35.66
C ILE A 221 -15.89 13.79 -36.89
N GLU A 222 -17.01 14.50 -36.85
CA GLU A 222 -17.43 15.34 -37.99
C GLU A 222 -17.30 16.82 -37.61
N PRO A 223 -16.85 17.71 -38.54
CA PRO A 223 -16.82 19.15 -38.22
C PRO A 223 -18.20 19.66 -37.77
N ARG A 224 -18.25 20.52 -36.75
CA ARG A 224 -19.52 21.06 -36.21
C ARG A 224 -20.30 21.90 -37.23
N ASP B 1 0.09 2.71 19.04
CA ASP B 1 0.55 2.17 17.76
C ASP B 1 1.77 2.97 17.27
N ILE B 2 2.69 2.32 16.54
CA ILE B 2 3.86 3.02 15.97
C ILE B 2 3.50 3.59 14.60
N VAL B 3 3.84 4.85 14.36
CA VAL B 3 3.51 5.50 13.08
C VAL B 3 4.83 5.76 12.30
N MET B 4 4.80 5.58 10.96
CA MET B 4 5.99 5.84 10.12
C MET B 4 5.72 7.10 9.32
N THR B 5 6.54 8.14 9.50
CA THR B 5 6.31 9.42 8.79
C THR B 5 7.28 9.53 7.65
N GLN B 6 6.77 9.33 6.46
CA GLN B 6 7.62 9.35 5.30
C GLN B 6 7.81 10.75 4.79
N SER B 7 8.95 10.98 4.14
CA SER B 7 9.28 12.23 3.49
C SER B 7 8.30 12.45 2.32
N GLN B 8 8.45 13.57 1.61
CA GLN B 8 7.72 14.00 0.42
C GLN B 8 7.00 12.91 -0.34
N LYS B 9 5.72 13.13 -0.67
CA LYS B 9 4.87 12.23 -1.45
C LYS B 9 5.37 12.11 -2.92
N PHE B 10 5.97 13.19 -3.45
CA PHE B 10 6.48 13.20 -4.83
C PHE B 10 7.90 13.75 -4.86
N MET B 11 8.79 13.10 -5.61
CA MET B 11 10.15 13.59 -5.77
C MET B 11 10.50 13.59 -7.23
N SER B 12 11.01 14.72 -7.70
CA SER B 12 11.50 14.89 -9.08
C SER B 12 12.96 14.49 -9.11
N THR B 13 13.31 13.61 -10.02
CA THR B 13 14.67 13.11 -10.13
C THR B 13 15.15 13.11 -11.58
N SER B 14 16.47 12.94 -11.76
CA SER B 14 17.06 12.75 -13.06
C SER B 14 17.77 11.41 -13.05
N ILE B 15 17.74 10.71 -14.18
CA ILE B 15 18.42 9.42 -14.30
C ILE B 15 19.93 9.63 -14.10
N GLY B 16 20.52 8.77 -13.28
CA GLY B 16 21.91 8.81 -12.86
C GLY B 16 22.10 9.57 -11.56
N ASP B 17 21.07 10.23 -11.03
CA ASP B 17 21.22 10.99 -9.80
C ASP B 17 21.15 10.11 -8.57
N ARG B 18 21.69 10.62 -7.46
CA ARG B 18 21.59 9.98 -6.16
C ARG B 18 20.27 10.51 -5.56
N VAL B 19 19.39 9.61 -5.10
CA VAL B 19 18.08 10.01 -4.54
C VAL B 19 17.99 9.47 -3.15
N SER B 20 17.44 10.25 -2.20
CA SER B 20 17.24 9.82 -0.82
C SER B 20 15.80 9.99 -0.40
N ILE B 21 15.22 8.92 0.16
CA ILE B 21 13.83 8.91 0.66
C ILE B 21 13.93 8.67 2.14
N THR B 22 13.22 9.47 2.96
CA THR B 22 13.36 9.24 4.39
C THR B 22 12.06 8.85 5.07
N CYS B 23 12.21 8.25 6.22
CA CYS B 23 11.09 7.79 7.00
C CYS B 23 11.43 7.95 8.49
N LYS B 24 10.48 8.44 9.30
CA LYS B 24 10.73 8.61 10.73
C LYS B 24 9.77 7.80 11.56
N ALA B 25 10.28 6.92 12.41
CA ALA B 25 9.38 6.12 13.26
C ALA B 25 9.01 6.96 14.50
N SER B 26 7.75 6.88 14.94
CA SER B 26 7.27 7.64 16.10
C SER B 26 7.90 7.21 17.45
N GLN B 27 8.45 5.99 17.52
CA GLN B 27 9.10 5.39 18.70
C GLN B 27 10.25 4.55 18.16
N ASN B 28 11.17 4.15 19.04
CA ASN B 28 12.25 3.29 18.62
C ASN B 28 11.70 1.89 18.20
N VAL B 29 12.08 1.43 17.01
CA VAL B 29 11.67 0.14 16.45
C VAL B 29 12.91 -0.71 16.17
N GLY B 30 14.03 -0.34 16.79
CA GLY B 30 15.32 -0.97 16.52
C GLY B 30 15.63 -0.77 15.04
N SER B 31 15.93 -1.86 14.35
CA SER B 31 16.19 -1.89 12.90
C SER B 31 15.08 -2.62 12.14
N ALA B 32 13.93 -2.85 12.76
CA ALA B 32 12.82 -3.63 12.17
C ALA B 32 12.00 -2.78 11.18
N VAL B 33 12.68 -2.38 10.09
CA VAL B 33 12.11 -1.53 9.07
C VAL B 33 12.42 -2.12 7.71
N ALA B 34 11.40 -2.14 6.86
CA ALA B 34 11.49 -2.61 5.48
C ALA B 34 11.18 -1.48 4.52
N TRP B 35 11.72 -1.60 3.31
CA TRP B 35 11.41 -0.71 2.19
C TRP B 35 10.83 -1.59 1.08
N TYR B 36 9.76 -1.13 0.46
CA TYR B 36 9.07 -1.80 -0.67
C TYR B 36 9.04 -0.89 -1.89
N GLN B 37 9.16 -1.48 -3.07
CA GLN B 37 9.04 -0.76 -4.33
C GLN B 37 7.76 -1.26 -5.00
N GLN B 38 6.99 -0.35 -5.59
CA GLN B 38 5.80 -0.75 -6.32
C GLN B 38 5.67 0.04 -7.60
N LYS B 39 5.40 -0.67 -8.71
CA LYS B 39 5.11 -0.06 -10.01
C LYS B 39 3.57 -0.17 -10.27
N PRO B 40 2.94 0.78 -11.03
CA PRO B 40 1.47 0.73 -11.21
C PRO B 40 0.91 -0.60 -11.68
N GLY B 41 -0.16 -1.04 -11.03
CA GLY B 41 -0.83 -2.32 -11.32
C GLY B 41 -0.08 -3.58 -10.89
N GLN B 42 1.10 -3.44 -10.24
CA GLN B 42 1.88 -4.58 -9.74
C GLN B 42 1.80 -4.62 -8.23
N SER B 43 2.19 -5.77 -7.64
CA SER B 43 2.26 -5.91 -6.19
C SER B 43 3.51 -5.18 -5.72
N PRO B 44 3.56 -4.72 -4.45
CA PRO B 44 4.83 -4.18 -3.92
C PRO B 44 5.86 -5.31 -3.82
N LYS B 45 7.14 -4.94 -3.98
CA LYS B 45 8.25 -5.90 -3.87
C LYS B 45 9.12 -5.47 -2.72
N LEU B 46 9.54 -6.43 -1.89
CA LEU B 46 10.46 -6.17 -0.78
C LEU B 46 11.86 -5.81 -1.30
N LEU B 47 12.36 -4.64 -0.92
CA LEU B 47 13.73 -4.20 -1.32
C LEU B 47 14.72 -4.43 -0.23
N ILE B 48 14.41 -3.85 0.94
CA ILE B 48 15.29 -3.85 2.13
C ILE B 48 14.54 -4.41 3.33
N TYR B 49 15.25 -5.16 4.18
CA TYR B 49 14.72 -5.63 5.48
C TYR B 49 15.81 -5.37 6.51
N SER B 50 15.42 -5.35 7.82
CA SER B 50 16.32 -5.02 8.95
C SER B 50 17.03 -3.68 8.65
N ALA B 51 16.29 -2.69 8.10
CA ALA B 51 16.76 -1.31 7.76
C ALA B 51 17.86 -1.20 6.65
N SER B 52 18.82 -2.16 6.55
CA SER B 52 19.97 -2.06 5.67
C SER B 52 20.30 -3.32 4.84
N ASN B 53 19.55 -4.39 5.00
CA ASN B 53 19.83 -5.62 4.25
C ASN B 53 19.04 -5.67 2.97
N ARG B 54 19.75 -5.84 1.87
CA ARG B 54 19.11 -5.99 0.57
C ARG B 54 18.48 -7.37 0.46
N TYR B 55 17.21 -7.43 0.03
CA TYR B 55 16.49 -8.68 -0.18
C TYR B 55 17.05 -9.38 -1.46
N THR B 56 16.67 -10.64 -1.69
CA THR B 56 17.14 -11.47 -2.82
C THR B 56 17.03 -10.75 -4.15
N GLY B 57 18.13 -10.68 -4.89
CA GLY B 57 18.16 -10.09 -6.23
C GLY B 57 18.06 -8.57 -6.30
N VAL B 58 18.02 -7.90 -5.15
CA VAL B 58 17.96 -6.42 -5.14
C VAL B 58 19.36 -5.88 -5.55
N PRO B 59 19.46 -4.99 -6.56
CA PRO B 59 20.80 -4.46 -6.96
C PRO B 59 21.50 -3.58 -5.91
N ASP B 60 22.84 -3.49 -6.01
CA ASP B 60 23.69 -2.71 -5.08
C ASP B 60 23.29 -1.24 -4.89
N ARG B 61 22.70 -0.63 -5.92
CA ARG B 61 22.35 0.79 -5.89
C ARG B 61 21.30 1.17 -4.83
N PHE B 62 20.53 0.17 -4.34
CA PHE B 62 19.55 0.38 -3.26
C PHE B 62 20.25 0.23 -1.90
N ILE B 63 20.40 1.33 -1.16
CA ILE B 63 21.11 1.36 0.11
C ILE B 63 20.18 1.80 1.21
N GLY B 64 19.94 0.92 2.18
CA GLY B 64 19.11 1.28 3.33
C GLY B 64 20.01 1.65 4.50
N SER B 65 19.64 2.68 5.24
CA SER B 65 20.45 3.09 6.40
C SER B 65 19.54 3.60 7.52
N GLU B 66 20.09 3.66 8.73
CA GLU B 66 19.35 4.06 9.92
C GLU B 66 20.18 4.90 10.88
N SER B 67 19.48 5.72 11.65
CA SER B 67 20.03 6.58 12.70
C SER B 67 18.91 6.82 13.69
N GLY B 68 18.92 6.09 14.81
CA GLY B 68 17.86 6.15 15.82
C GLY B 68 16.51 5.78 15.24
N THR B 69 15.59 6.75 15.18
CA THR B 69 14.27 6.57 14.58
C THR B 69 14.18 7.11 13.12
N ASP B 70 15.31 7.58 12.53
CA ASP B 70 15.37 8.09 11.13
C ASP B 70 15.88 6.96 10.24
N PHE B 71 15.12 6.59 9.21
CA PHE B 71 15.47 5.53 8.26
C PHE B 71 15.57 6.16 6.89
N THR B 72 16.53 5.72 6.09
CA THR B 72 16.73 6.28 4.77
C THR B 72 16.91 5.22 3.71
N LEU B 73 16.23 5.41 2.59
CA LEU B 73 16.44 4.57 1.41
C LEU B 73 17.14 5.48 0.39
N THR B 74 18.35 5.08 -0.02
CA THR B 74 19.14 5.82 -1.03
C THR B 74 19.24 4.97 -2.26
N ILE B 75 19.03 5.62 -3.44
CA ILE B 75 19.32 4.99 -4.71
C ILE B 75 20.61 5.71 -5.13
N SER B 76 21.76 5.01 -5.09
CA SER B 76 23.06 5.67 -5.34
C SER B 76 23.15 6.33 -6.71
N ASN B 77 22.55 5.69 -7.75
CA ASN B 77 22.52 6.12 -9.14
C ASN B 77 21.19 5.62 -9.72
N MET B 78 20.19 6.51 -9.81
CA MET B 78 18.87 6.16 -10.28
C MET B 78 18.85 5.69 -11.75
N GLN B 79 18.32 4.50 -12.02
CA GLN B 79 18.20 3.97 -13.36
C GLN B 79 16.79 4.25 -13.85
N SER B 80 16.57 4.17 -15.17
CA SER B 80 15.23 4.44 -15.71
C SER B 80 14.14 3.53 -15.09
N GLU B 81 14.49 2.28 -14.80
CA GLU B 81 13.57 1.29 -14.24
C GLU B 81 13.24 1.53 -12.77
N ASP B 82 13.93 2.48 -12.11
CA ASP B 82 13.71 2.83 -10.70
C ASP B 82 12.58 3.85 -10.49
N LEU B 83 12.02 4.43 -11.58
CA LEU B 83 10.89 5.36 -11.48
C LEU B 83 9.67 4.52 -11.04
N ALA B 84 9.23 4.75 -9.79
CA ALA B 84 8.24 3.90 -9.11
C ALA B 84 7.91 4.52 -7.77
N ASP B 85 7.00 3.86 -7.00
CA ASP B 85 6.59 4.27 -5.66
C ASP B 85 7.44 3.50 -4.67
N TYR B 86 7.76 4.14 -3.56
CA TYR B 86 8.56 3.52 -2.49
C TYR B 86 7.86 3.70 -1.16
N PHE B 87 7.77 2.61 -0.36
CA PHE B 87 7.11 2.65 0.94
C PHE B 87 8.02 2.06 2.03
N CYS B 88 8.13 2.76 3.15
CA CYS B 88 8.84 2.22 4.32
C CYS B 88 7.75 1.51 5.16
N GLN B 89 8.16 0.64 6.05
CA GLN B 89 7.22 -0.04 6.93
C GLN B 89 7.98 -0.45 8.19
N GLN B 90 7.32 -0.38 9.34
CA GLN B 90 7.87 -0.94 10.58
C GLN B 90 7.17 -2.29 10.79
N TYR B 91 7.95 -3.28 11.17
CA TYR B 91 7.38 -4.60 11.45
C TYR B 91 7.85 -5.12 12.80
N SER B 92 8.26 -4.21 13.68
CA SER B 92 8.67 -4.60 15.03
C SER B 92 7.44 -5.15 15.80
N SER B 93 6.30 -4.50 15.64
CA SER B 93 5.12 -4.94 16.36
C SER B 93 3.83 -4.66 15.63
N TYR B 94 2.81 -5.46 15.94
CA TYR B 94 1.46 -5.24 15.45
C TYR B 94 0.84 -4.05 16.20
N PRO B 95 0.11 -3.14 15.54
CA PRO B 95 -0.25 -3.15 14.11
C PRO B 95 0.92 -2.74 13.22
N LEU B 96 1.11 -3.41 12.06
CA LEU B 96 2.21 -3.01 11.18
C LEU B 96 1.81 -1.65 10.58
N ALA B 97 2.77 -0.78 10.31
CA ALA B 97 2.42 0.53 9.77
C ALA B 97 3.34 0.83 8.60
N PHE B 98 2.74 1.33 7.50
CA PHE B 98 3.47 1.75 6.30
C PHE B 98 3.64 3.26 6.32
N GLY B 99 4.71 3.75 5.69
CA GLY B 99 4.85 5.17 5.42
C GLY B 99 3.85 5.50 4.30
N ALA B 100 3.49 6.78 4.13
CA ALA B 100 2.51 7.21 3.13
C ALA B 100 2.97 6.99 1.66
N GLY B 101 4.26 6.75 1.42
CA GLY B 101 4.81 6.47 0.09
C GLY B 101 5.43 7.67 -0.59
N THR B 102 6.37 7.41 -1.50
CA THR B 102 7.05 8.47 -2.26
C THR B 102 7.12 8.00 -3.69
N LYS B 103 6.61 8.82 -4.63
CA LYS B 103 6.66 8.47 -6.03
C LYS B 103 7.82 9.22 -6.65
N LEU B 104 8.76 8.51 -7.27
CA LEU B 104 9.88 9.15 -7.97
C LEU B 104 9.41 9.43 -9.40
N GLU B 105 9.50 10.69 -9.84
CA GLU B 105 9.13 11.06 -11.21
C GLU B 105 10.34 11.66 -11.93
N LEU B 106 10.25 11.80 -13.24
CA LEU B 106 11.37 12.34 -13.99
C LEU B 106 11.30 13.85 -14.25
N LYS B 107 12.41 14.52 -13.97
CA LYS B 107 12.54 15.94 -14.24
C LYS B 107 12.75 16.15 -15.77
N ARG B 108 12.14 17.21 -16.32
CA ARG B 108 12.31 17.62 -17.73
C ARG B 108 12.01 19.13 -17.76
N ALA B 109 12.20 19.82 -18.89
CA ALA B 109 11.93 21.26 -19.01
C ALA B 109 10.46 21.52 -18.82
N ASP B 110 10.11 22.69 -18.26
CA ASP B 110 8.72 23.09 -18.09
C ASP B 110 8.05 23.19 -19.46
N ALA B 111 6.79 22.82 -19.51
CA ALA B 111 5.98 22.81 -20.71
C ALA B 111 4.61 23.30 -20.36
N ALA B 112 4.11 24.31 -21.12
CA ALA B 112 2.78 24.86 -20.88
C ALA B 112 1.74 23.88 -21.39
N PRO B 113 0.57 23.77 -20.76
CA PRO B 113 -0.43 22.82 -21.30
C PRO B 113 -1.03 23.30 -22.63
N THR B 114 -1.39 22.38 -23.51
CA THR B 114 -2.15 22.73 -24.71
C THR B 114 -3.63 22.55 -24.28
N VAL B 115 -4.40 23.66 -24.26
CA VAL B 115 -5.78 23.60 -23.78
C VAL B 115 -6.81 23.64 -24.93
N SER B 116 -7.79 22.71 -24.88
CA SER B 116 -8.85 22.56 -25.89
C SER B 116 -10.19 22.41 -25.16
N ILE B 117 -11.22 23.18 -25.58
CA ILE B 117 -12.54 23.14 -24.98
C ILE B 117 -13.54 22.63 -26.02
N PHE B 118 -14.51 21.84 -25.56
CA PHE B 118 -15.50 21.20 -26.39
C PHE B 118 -16.89 21.37 -25.80
N PRO B 119 -17.78 22.06 -26.54
CA PRO B 119 -19.18 22.20 -26.10
C PRO B 119 -19.90 20.82 -26.14
N PRO B 120 -21.07 20.62 -25.51
CA PRO B 120 -21.75 19.32 -25.62
C PRO B 120 -22.05 18.91 -27.06
N SER B 121 -21.95 17.62 -27.36
CA SER B 121 -22.25 17.09 -28.69
C SER B 121 -23.77 17.18 -28.99
N SER B 122 -24.15 17.23 -30.28
CA SER B 122 -25.57 17.24 -30.74
C SER B 122 -26.29 16.00 -30.15
N GLU B 123 -25.62 14.81 -30.20
CA GLU B 123 -26.14 13.53 -29.68
C GLU B 123 -26.41 13.58 -28.19
N GLN B 124 -25.50 14.17 -27.39
CA GLN B 124 -25.73 14.25 -25.95
C GLN B 124 -26.89 15.17 -25.61
N LEU B 125 -26.97 16.34 -26.26
CA LEU B 125 -28.07 17.30 -26.08
C LEU B 125 -29.43 16.66 -26.41
N THR B 126 -29.48 15.83 -27.47
CA THR B 126 -30.69 15.07 -27.89
C THR B 126 -31.21 14.19 -26.74
N SER B 127 -30.29 13.56 -25.98
CA SER B 127 -30.60 12.69 -24.83
C SER B 127 -30.88 13.44 -23.51
N GLY B 128 -30.79 14.77 -23.52
CA GLY B 128 -31.06 15.61 -22.35
C GLY B 128 -29.88 15.99 -21.47
N GLY B 129 -28.67 15.54 -21.84
CA GLY B 129 -27.47 15.85 -21.07
C GLY B 129 -26.60 16.89 -21.72
N ALA B 130 -25.74 17.54 -20.93
CA ALA B 130 -24.83 18.56 -21.45
C ALA B 130 -23.47 18.53 -20.75
N SER B 131 -22.47 17.93 -21.40
CA SER B 131 -21.13 17.90 -20.84
C SER B 131 -20.25 18.84 -21.60
N VAL B 132 -19.45 19.69 -20.90
CA VAL B 132 -18.45 20.57 -21.50
C VAL B 132 -17.09 19.96 -21.11
N VAL B 133 -16.25 19.66 -22.10
CA VAL B 133 -14.97 18.98 -21.87
C VAL B 133 -13.80 19.91 -22.14
N CYS B 134 -12.84 19.92 -21.22
CA CYS B 134 -11.60 20.67 -21.34
C CYS B 134 -10.40 19.71 -21.22
N PHE B 135 -9.55 19.63 -22.27
CA PHE B 135 -8.30 18.84 -22.18
C PHE B 135 -7.15 19.82 -21.99
N LEU B 136 -6.23 19.47 -21.10
CA LEU B 136 -5.03 20.24 -20.76
C LEU B 136 -3.91 19.22 -20.97
N ASN B 137 -3.25 19.29 -22.15
CA ASN B 137 -2.34 18.25 -22.55
C ASN B 137 -0.86 18.62 -22.61
N ASN B 138 -0.02 17.61 -22.31
CA ASN B 138 1.44 17.63 -22.40
C ASN B 138 2.11 18.76 -21.62
N PHE B 139 1.77 18.85 -20.34
CA PHE B 139 2.40 19.92 -19.54
C PHE B 139 3.44 19.34 -18.58
N TYR B 140 4.27 20.21 -18.04
CA TYR B 140 5.27 19.84 -17.03
C TYR B 140 5.61 21.10 -16.25
N PRO B 141 5.65 21.09 -14.88
CA PRO B 141 5.46 19.95 -13.94
C PRO B 141 3.99 19.55 -13.78
N LYS B 142 3.75 18.48 -13.01
CA LYS B 142 2.44 17.88 -12.88
C LYS B 142 1.40 18.77 -12.21
N ASP B 143 1.81 19.72 -11.34
CA ASP B 143 0.79 20.51 -10.61
C ASP B 143 0.08 21.51 -11.50
N ILE B 144 -1.25 21.42 -11.49
CA ILE B 144 -2.10 22.25 -12.33
C ILE B 144 -3.46 22.43 -11.63
N ASN B 145 -4.13 23.53 -11.89
CA ASN B 145 -5.44 23.78 -11.31
C ASN B 145 -6.35 24.25 -12.43
N VAL B 146 -7.54 23.66 -12.52
CA VAL B 146 -8.54 24.02 -13.53
C VAL B 146 -9.74 24.56 -12.76
N LYS B 147 -10.21 25.71 -13.19
CA LYS B 147 -11.39 26.38 -12.63
C LYS B 147 -12.40 26.50 -13.76
N TRP B 148 -13.64 26.11 -13.52
CA TRP B 148 -14.71 26.29 -14.49
C TRP B 148 -15.46 27.56 -14.12
N LYS B 149 -15.66 28.45 -15.09
CA LYS B 149 -16.45 29.65 -14.89
C LYS B 149 -17.64 29.62 -15.85
N ILE B 150 -18.84 29.87 -15.33
CA ILE B 150 -20.06 29.95 -16.13
C ILE B 150 -20.54 31.40 -15.97
N ASP B 151 -20.49 32.21 -17.05
CA ASP B 151 -20.84 33.63 -17.01
C ASP B 151 -20.08 34.37 -15.89
N GLY B 152 -18.77 34.13 -15.84
CA GLY B 152 -17.86 34.72 -14.86
C GLY B 152 -17.99 34.21 -13.44
N SER B 153 -18.94 33.30 -13.19
CA SER B 153 -19.15 32.73 -11.86
C SER B 153 -18.49 31.35 -11.78
N GLU B 154 -17.66 31.12 -10.76
CA GLU B 154 -16.98 29.83 -10.59
C GLU B 154 -17.96 28.69 -10.31
N ARG B 155 -17.81 27.56 -11.03
CA ARG B 155 -18.64 26.39 -10.82
C ARG B 155 -17.83 25.21 -10.34
N GLN B 156 -18.27 24.56 -9.26
CA GLN B 156 -17.57 23.40 -8.70
C GLN B 156 -18.36 22.11 -8.88
N ASN B 157 -19.69 22.16 -8.67
CA ASN B 157 -20.56 20.98 -8.81
C ASN B 157 -20.62 20.47 -10.24
N GLY B 158 -20.56 19.16 -10.40
CA GLY B 158 -20.67 18.54 -11.71
C GLY B 158 -19.36 18.52 -12.48
N VAL B 159 -18.23 18.61 -11.78
CA VAL B 159 -16.91 18.56 -12.41
C VAL B 159 -16.30 17.17 -12.16
N LEU B 160 -15.84 16.53 -13.24
CA LEU B 160 -15.18 15.23 -13.17
C LEU B 160 -13.80 15.40 -13.80
N ASN B 161 -12.75 15.18 -13.00
CA ASN B 161 -11.36 15.31 -13.43
C ASN B 161 -10.64 14.00 -13.52
N SER B 162 -9.74 13.86 -14.52
CA SER B 162 -8.91 12.67 -14.67
C SER B 162 -7.52 13.07 -15.12
N TRP B 163 -6.50 12.38 -14.61
CA TRP B 163 -5.12 12.72 -14.89
C TRP B 163 -4.37 11.53 -15.42
N THR B 164 -3.52 11.74 -16.41
CA THR B 164 -2.69 10.63 -16.86
C THR B 164 -1.44 10.55 -15.96
N ASP B 165 -0.77 9.41 -15.95
CA ASP B 165 0.50 9.24 -15.26
C ASP B 165 1.56 9.90 -16.19
N GLN B 166 2.77 10.10 -15.69
CA GLN B 166 3.84 10.71 -16.46
C GLN B 166 4.10 9.91 -17.71
N ASP B 167 4.06 10.56 -18.86
CA ASP B 167 4.26 9.90 -20.11
C ASP B 167 5.64 9.24 -20.18
N SER B 168 5.69 7.97 -20.66
CA SER B 168 6.92 7.17 -20.77
C SER B 168 7.95 7.76 -21.72
N LYS B 169 7.49 8.44 -22.78
CA LYS B 169 8.36 8.98 -23.81
C LYS B 169 8.75 10.44 -23.60
N ASP B 170 7.78 11.36 -23.47
CA ASP B 170 8.13 12.76 -23.37
C ASP B 170 8.11 13.31 -21.91
N SER B 171 7.76 12.47 -20.93
CA SER B 171 7.77 12.84 -19.50
C SER B 171 6.78 13.95 -19.12
N THR B 172 5.74 14.17 -19.95
CA THR B 172 4.73 15.17 -19.61
C THR B 172 3.55 14.49 -18.90
N TYR B 173 2.60 15.33 -18.51
CA TYR B 173 1.37 14.95 -17.86
C TYR B 173 0.26 15.55 -18.67
N SER B 174 -0.92 14.94 -18.61
CA SER B 174 -2.13 15.48 -19.23
C SER B 174 -3.32 15.33 -18.25
N MET B 175 -4.35 16.12 -18.49
CA MET B 175 -5.54 16.17 -17.67
C MET B 175 -6.78 16.41 -18.52
N SER B 176 -7.91 15.85 -18.06
CA SER B 176 -9.21 16.02 -18.69
C SER B 176 -10.19 16.51 -17.63
N SER B 177 -10.95 17.57 -17.94
CA SER B 177 -11.93 18.09 -17.00
C SER B 177 -13.27 18.16 -17.69
N THR B 178 -14.28 17.46 -17.11
CA THR B 178 -15.63 17.42 -17.68
C THR B 178 -16.65 18.06 -16.74
N LEU B 179 -17.32 19.07 -17.25
CA LEU B 179 -18.38 19.76 -16.51
C LEU B 179 -19.70 19.20 -17.04
N THR B 180 -20.48 18.47 -16.19
CA THR B 180 -21.75 17.90 -16.65
C THR B 180 -22.97 18.61 -16.02
N LEU B 181 -23.84 19.10 -16.90
CA LEU B 181 -25.11 19.74 -16.52
C LEU B 181 -26.26 19.04 -17.25
N THR B 182 -27.52 19.34 -16.85
CA THR B 182 -28.68 18.89 -17.62
C THR B 182 -28.72 19.84 -18.81
N LYS B 183 -29.38 19.46 -19.92
CA LYS B 183 -29.54 20.35 -21.08
C LYS B 183 -30.24 21.66 -20.63
N ASP B 184 -31.25 21.56 -19.74
CA ASP B 184 -31.99 22.72 -19.23
C ASP B 184 -31.10 23.68 -18.46
N GLU B 185 -30.24 23.15 -17.57
CA GLU B 185 -29.29 23.96 -16.81
C GLU B 185 -28.24 24.59 -17.75
N TYR B 186 -27.78 23.86 -18.75
CA TYR B 186 -26.83 24.33 -19.75
C TYR B 186 -27.39 25.53 -20.57
N GLU B 187 -28.70 25.47 -20.89
CA GLU B 187 -29.36 26.52 -21.69
C GLU B 187 -29.70 27.76 -20.86
N ARG B 188 -29.45 27.74 -19.54
CA ARG B 188 -29.70 28.87 -18.64
C ARG B 188 -28.48 29.79 -18.54
N HIS B 189 -27.40 29.46 -19.28
CA HIS B 189 -26.16 30.23 -19.23
C HIS B 189 -25.53 30.40 -20.59
N ASN B 190 -24.68 31.41 -20.75
CA ASN B 190 -24.07 31.65 -22.04
C ASN B 190 -22.57 31.27 -22.12
N SER B 191 -21.72 31.99 -21.39
CA SER B 191 -20.26 31.82 -21.42
C SER B 191 -19.79 30.62 -20.59
N TYR B 192 -19.02 29.71 -21.23
CA TYR B 192 -18.45 28.51 -20.57
C TYR B 192 -16.95 28.61 -20.72
N THR B 193 -16.24 28.62 -19.57
CA THR B 193 -14.78 28.80 -19.55
C THR B 193 -14.08 27.78 -18.66
N CYS B 194 -12.93 27.26 -19.14
CA CYS B 194 -12.06 26.44 -18.27
C CYS B 194 -10.74 27.24 -18.22
N GLU B 195 -10.29 27.54 -17.00
CA GLU B 195 -9.07 28.33 -16.83
C GLU B 195 -8.03 27.46 -16.18
N ALA B 196 -6.84 27.34 -16.79
CA ALA B 196 -5.79 26.50 -16.21
C ALA B 196 -4.64 27.32 -15.63
N THR B 197 -4.38 27.12 -14.31
CA THR B 197 -3.28 27.78 -13.61
C THR B 197 -2.10 26.77 -13.57
N HIS B 198 -0.98 27.17 -14.15
CA HIS B 198 0.25 26.36 -14.22
C HIS B 198 1.44 27.31 -14.04
N LYS B 199 2.53 26.80 -13.48
CA LYS B 199 3.71 27.61 -13.18
C LYS B 199 4.36 28.25 -14.41
N THR B 200 4.04 27.76 -15.62
CA THR B 200 4.58 28.26 -16.88
C THR B 200 3.99 29.60 -17.29
N SER B 201 2.94 30.05 -16.62
CA SER B 201 2.32 31.33 -16.96
C SER B 201 1.93 32.08 -15.70
N THR B 202 2.11 33.40 -15.71
CA THR B 202 1.75 34.24 -14.55
C THR B 202 0.24 34.57 -14.59
N SER B 203 -0.40 34.32 -15.74
CA SER B 203 -1.84 34.54 -15.90
C SER B 203 -2.49 33.20 -16.35
N PRO B 204 -3.73 32.88 -15.93
CA PRO B 204 -4.34 31.61 -16.38
C PRO B 204 -4.46 31.49 -17.88
N ILE B 205 -4.32 30.25 -18.38
CA ILE B 205 -4.54 29.91 -19.79
C ILE B 205 -6.08 29.71 -19.86
N VAL B 206 -6.74 30.50 -20.69
CA VAL B 206 -8.21 30.57 -20.77
C VAL B 206 -8.71 30.08 -22.13
N LYS B 207 -9.70 29.16 -22.10
CA LYS B 207 -10.38 28.61 -23.26
C LYS B 207 -11.88 28.78 -22.99
N SER B 208 -12.57 29.40 -23.93
CA SER B 208 -13.97 29.77 -23.70
C SER B 208 -14.84 29.70 -24.93
N PHE B 209 -16.15 29.48 -24.72
CA PHE B 209 -17.11 29.55 -25.81
C PHE B 209 -18.41 30.12 -25.25
N ASN B 210 -19.26 30.66 -26.12
CA ASN B 210 -20.56 31.18 -25.71
C ASN B 210 -21.60 30.28 -26.35
N ARG B 211 -22.51 29.71 -25.53
CA ARG B 211 -23.60 28.83 -25.99
C ARG B 211 -24.44 29.49 -27.10
N ASN B 212 -24.82 30.80 -26.93
CA ASN B 212 -25.58 31.58 -27.91
C ASN B 212 -24.69 32.13 -29.01
N ASP C 1 20.14 -31.48 38.83
CA ASP C 1 19.11 -30.60 39.39
C ASP C 1 19.17 -29.22 38.77
N LEU C 2 20.37 -28.59 38.77
CA LEU C 2 20.55 -27.28 38.18
C LEU C 2 20.40 -27.32 36.64
N PRO C 3 19.58 -26.42 36.07
CA PRO C 3 19.41 -26.39 34.60
C PRO C 3 20.74 -26.24 33.86
N LEU C 4 20.85 -26.84 32.67
CA LEU C 4 22.06 -26.77 31.85
C LEU C 4 21.99 -25.54 30.94
N LEU C 5 23.13 -24.82 30.80
CA LEU C 5 23.25 -23.60 29.99
C LEU C 5 24.25 -23.83 28.89
N CYS C 6 23.99 -23.24 27.70
CA CYS C 6 24.87 -23.43 26.55
C CYS C 6 24.91 -22.19 25.68
N THR C 7 26.09 -21.92 25.12
CA THR C 7 26.37 -20.80 24.18
C THR C 7 27.07 -21.41 22.96
N LEU C 8 26.46 -21.27 21.79
CA LEU C 8 27.06 -21.76 20.55
C LEU C 8 27.35 -20.56 19.66
N ASN C 9 28.58 -20.51 19.09
CA ASN C 9 29.05 -19.43 18.21
C ASN C 9 29.23 -18.05 18.95
N LYS C 10 29.25 -18.07 20.29
CA LYS C 10 29.34 -16.90 21.16
C LYS C 10 28.17 -15.93 20.88
N SER C 11 26.99 -16.45 20.48
CA SER C 11 25.79 -15.61 20.22
C SER C 11 24.46 -16.35 20.37
N HIS C 12 24.44 -17.67 20.26
CA HIS C 12 23.18 -18.42 20.36
C HIS C 12 23.14 -19.09 21.73
N LEU C 13 22.17 -18.67 22.56
CA LEU C 13 22.02 -19.06 23.96
C LEU C 13 20.90 -20.03 24.22
N TYR C 14 21.15 -21.05 25.05
CA TYR C 14 20.17 -22.08 25.34
C TYR C 14 20.15 -22.41 26.84
N ILE C 15 19.03 -22.95 27.29
CA ILE C 15 18.82 -23.41 28.67
C ILE C 15 17.94 -24.66 28.61
N LYS C 16 18.30 -25.71 29.41
CA LYS C 16 17.54 -26.97 29.49
C LYS C 16 17.29 -27.24 30.98
N GLY C 17 16.09 -27.74 31.30
CA GLY C 17 15.70 -28.09 32.66
C GLY C 17 14.65 -29.18 32.58
N GLY C 18 15.06 -30.42 32.79
CA GLY C 18 14.18 -31.58 32.68
C GLY C 18 13.74 -31.81 31.25
N ASN C 19 12.42 -31.85 31.04
CA ASN C 19 11.76 -32.00 29.73
C ASN C 19 11.65 -30.66 28.98
N ALA C 20 11.97 -29.53 29.65
CA ALA C 20 11.90 -28.22 28.99
C ALA C 20 13.27 -27.81 28.45
N SER C 21 13.29 -27.18 27.27
CA SER C 21 14.53 -26.77 26.63
C SER C 21 14.22 -25.53 25.77
N PHE C 22 14.85 -24.40 26.08
CA PHE C 22 14.56 -23.14 25.39
C PHE C 22 15.74 -22.55 24.65
N LYS C 23 15.46 -21.78 23.62
CA LYS C 23 16.45 -20.94 22.99
C LYS C 23 16.10 -19.53 23.47
N ILE C 24 17.12 -18.75 23.80
CA ILE C 24 16.94 -17.38 24.30
C ILE C 24 17.38 -16.44 23.18
N SER C 25 16.46 -15.63 22.66
CA SER C 25 16.78 -14.73 21.55
C SER C 25 16.65 -13.28 21.97
N PHE C 26 17.49 -12.39 21.41
CA PHE C 26 17.41 -10.97 21.67
C PHE C 26 17.37 -10.22 20.35
N ASP C 27 16.29 -9.47 20.09
CA ASP C 27 16.17 -8.63 18.91
C ASP C 27 15.00 -7.63 19.07
N ASP C 28 14.75 -6.83 18.05
CA ASP C 28 13.76 -5.76 18.04
C ASP C 28 12.33 -6.19 17.66
N ILE C 29 12.01 -7.49 17.65
CA ILE C 29 10.64 -7.93 17.34
C ILE C 29 9.87 -8.04 18.65
N ALA C 30 8.80 -7.26 18.79
CA ALA C 30 7.97 -7.31 19.99
C ALA C 30 6.85 -8.29 19.65
N VAL C 31 7.16 -9.58 19.83
CA VAL C 31 6.25 -10.69 19.50
C VAL C 31 5.01 -10.58 20.41
N LEU C 32 5.24 -10.31 21.70
CA LEU C 32 4.15 -10.14 22.68
C LEU C 32 3.94 -8.71 23.04
N LEU C 33 2.71 -8.33 23.40
CA LEU C 33 2.39 -6.96 23.81
C LEU C 33 1.38 -7.01 24.95
N PRO C 34 1.45 -6.10 25.96
CA PRO C 34 0.47 -6.16 27.07
C PRO C 34 -1.00 -6.08 26.64
N GLU C 35 -1.29 -5.57 25.42
CA GLU C 35 -2.65 -5.47 24.87
C GLU C 35 -3.19 -6.85 24.48
N TYR C 36 -2.30 -7.78 24.10
CA TYR C 36 -2.74 -9.08 23.61
C TYR C 36 -2.38 -10.27 24.49
N ASP C 37 -1.37 -10.13 25.34
CA ASP C 37 -0.84 -11.31 26.02
C ASP C 37 -0.97 -11.29 27.52
N VAL C 38 -0.43 -12.33 28.18
CA VAL C 38 -0.52 -12.49 29.62
C VAL C 38 0.54 -11.67 30.35
N ILE C 39 0.12 -10.72 31.19
CA ILE C 39 1.01 -9.86 32.00
C ILE C 39 1.46 -10.63 33.24
N ILE C 40 2.78 -10.77 33.45
CA ILE C 40 3.35 -11.51 34.57
C ILE C 40 3.86 -10.57 35.64
N GLN C 41 3.17 -10.51 36.80
CA GLN C 41 3.54 -9.66 37.95
C GLN C 41 3.83 -10.46 39.24
N HIS C 42 3.57 -11.75 39.21
CA HIS C 42 3.76 -12.70 40.32
C HIS C 42 4.17 -14.03 39.69
N PRO C 43 5.08 -14.85 40.30
CA PRO C 43 5.44 -16.15 39.69
C PRO C 43 4.23 -17.04 39.36
N ALA C 44 3.18 -16.98 40.18
CA ALA C 44 1.97 -17.79 39.96
C ALA C 44 1.19 -17.42 38.69
N ASP C 45 1.36 -16.17 38.16
CA ASP C 45 0.71 -15.73 36.92
C ASP C 45 1.15 -16.58 35.73
N MET C 46 2.31 -17.27 35.86
CA MET C 46 2.88 -18.14 34.81
C MET C 46 2.10 -19.42 34.58
N SER C 47 1.11 -19.75 35.45
CA SER C 47 0.24 -20.93 35.25
C SER C 47 -0.56 -20.75 33.95
N TRP C 48 -0.79 -19.49 33.52
CA TRP C 48 -1.51 -19.19 32.28
C TRP C 48 -0.62 -19.30 31.01
N CYS C 49 0.71 -19.48 31.18
CA CYS C 49 1.69 -19.53 30.07
C CYS C 49 1.80 -20.89 29.40
N SER C 50 1.44 -21.96 30.13
CA SER C 50 1.64 -23.31 29.66
C SER C 50 0.80 -24.29 30.47
N LYS C 51 0.53 -25.47 29.89
CA LYS C 51 -0.13 -26.61 30.53
C LYS C 51 0.96 -27.48 31.17
N SER C 52 2.23 -27.28 30.75
CA SER C 52 3.41 -28.02 31.20
C SER C 52 4.09 -27.40 32.44
N ASP C 53 4.14 -28.17 33.57
CA ASP C 53 4.78 -27.79 34.82
C ASP C 53 6.27 -27.49 34.62
N ASP C 54 6.94 -28.30 33.78
CA ASP C 54 8.36 -28.16 33.45
C ASP C 54 8.66 -26.82 32.68
N GLN C 55 7.79 -26.42 31.74
CA GLN C 55 7.99 -25.13 31.02
C GLN C 55 7.82 -23.96 31.99
N ILE C 56 6.83 -24.04 32.91
CA ILE C 56 6.58 -23.02 33.93
C ILE C 56 7.77 -22.93 34.89
N TRP C 57 8.23 -24.09 35.39
CA TRP C 57 9.37 -24.20 36.31
C TRP C 57 10.64 -23.59 35.74
N LEU C 58 11.01 -23.97 34.50
CA LEU C 58 12.20 -23.44 33.84
C LEU C 58 12.12 -21.92 33.61
N SER C 59 10.96 -21.41 33.24
CA SER C 59 10.78 -19.98 33.00
C SER C 59 10.99 -19.22 34.34
N GLN C 60 10.38 -19.72 35.45
CA GLN C 60 10.54 -19.08 36.76
C GLN C 60 11.97 -19.13 37.29
N TRP C 61 12.67 -20.27 37.04
CA TRP C 61 14.06 -20.46 37.43
C TRP C 61 14.92 -19.42 36.73
N PHE C 62 14.78 -19.30 35.39
CA PHE C 62 15.55 -18.34 34.60
C PHE C 62 15.36 -16.92 35.14
N MET C 63 14.11 -16.49 35.33
CA MET C 63 13.79 -15.15 35.84
C MET C 63 14.40 -14.92 37.24
N ASN C 64 14.32 -15.93 38.14
CA ASN C 64 14.96 -15.84 39.47
C ASN C 64 16.49 -15.76 39.34
N ALA C 65 17.09 -16.57 38.42
CA ALA C 65 18.53 -16.64 38.20
C ALA C 65 19.16 -15.34 37.66
N VAL C 66 18.36 -14.50 36.97
CA VAL C 66 18.83 -13.21 36.45
C VAL C 66 18.53 -12.05 37.43
N GLY C 67 17.92 -12.39 38.56
CA GLY C 67 17.63 -11.42 39.61
C GLY C 67 16.35 -10.64 39.42
N HIS C 68 15.36 -11.22 38.74
CA HIS C 68 14.10 -10.51 38.57
C HIS C 68 13.31 -10.38 39.90
N ASP C 69 12.83 -9.17 40.21
CA ASP C 69 11.98 -8.88 41.35
C ASP C 69 10.56 -8.88 40.83
N TRP C 70 9.84 -9.99 41.05
CA TRP C 70 8.49 -10.19 40.54
C TRP C 70 7.52 -9.01 40.82
N TYR C 71 7.62 -8.39 42.01
CA TYR C 71 6.71 -7.29 42.34
C TYR C 71 7.22 -5.88 41.96
N LEU C 72 8.50 -5.57 42.18
CA LEU C 72 9.03 -4.22 41.93
C LEU C 72 9.62 -3.97 40.54
N ASP C 73 10.07 -5.03 39.84
CA ASP C 73 10.61 -4.84 38.49
C ASP C 73 9.45 -4.74 37.49
N PRO C 74 9.69 -4.23 36.26
CA PRO C 74 8.59 -4.18 35.28
C PRO C 74 8.03 -5.58 35.02
N PRO C 75 6.70 -5.73 34.84
CA PRO C 75 6.16 -7.05 34.55
C PRO C 75 6.66 -7.51 33.18
N PHE C 76 6.57 -8.81 32.90
CA PHE C 76 6.95 -9.34 31.59
C PHE C 76 5.74 -10.02 30.98
N LEU C 77 5.92 -10.69 29.84
CA LEU C 77 4.79 -11.22 29.10
C LEU C 77 4.95 -12.66 28.71
N CYS C 78 3.82 -13.37 28.53
CA CYS C 78 3.84 -14.71 27.95
C CYS C 78 2.62 -14.89 27.10
N ARG C 79 2.65 -15.84 26.16
CA ARG C 79 1.48 -16.13 25.35
C ARG C 79 0.55 -17.06 26.16
N ASN C 80 -0.74 -16.74 26.18
CA ASN C 80 -1.78 -17.52 26.84
C ASN C 80 -1.72 -18.99 26.35
N ARG C 81 -1.74 -19.97 27.29
CA ARG C 81 -1.69 -21.42 26.99
C ARG C 81 -2.82 -21.92 26.04
N THR C 82 -3.96 -21.20 25.98
CA THR C 82 -5.09 -21.56 25.13
C THR C 82 -4.81 -21.31 23.62
N LYS C 83 -3.84 -20.43 23.32
CA LYS C 83 -3.43 -20.12 21.96
C LYS C 83 -2.59 -21.32 21.45
N THR C 84 -2.53 -21.55 20.13
CA THR C 84 -1.77 -22.70 19.59
C THR C 84 -0.45 -22.31 18.89
N GLU C 85 -0.15 -21.00 18.77
CA GLU C 85 1.04 -20.52 18.09
C GLU C 85 2.36 -20.99 18.75
N GLY C 86 2.34 -21.30 20.04
CA GLY C 86 3.50 -21.81 20.75
C GLY C 86 3.86 -21.14 22.05
N PHE C 87 4.49 -21.91 22.96
CA PHE C 87 4.96 -21.39 24.24
C PHE C 87 6.01 -20.27 23.97
N ILE C 88 5.93 -19.18 24.73
CA ILE C 88 6.88 -18.07 24.63
C ILE C 88 6.69 -17.10 25.77
N PHE C 89 7.80 -16.60 26.27
CA PHE C 89 7.76 -15.49 27.22
C PHE C 89 8.75 -14.44 26.73
N GLN C 90 8.41 -13.18 27.01
CA GLN C 90 9.17 -12.03 26.52
C GLN C 90 9.46 -11.05 27.62
N VAL C 91 10.73 -10.68 27.72
CA VAL C 91 11.18 -9.68 28.69
C VAL C 91 11.74 -8.49 27.89
N ASN C 92 11.38 -7.26 28.30
CA ASN C 92 11.93 -6.07 27.67
C ASN C 92 13.32 -5.74 28.28
N THR C 93 14.38 -5.88 27.47
CA THR C 93 15.76 -5.66 27.89
C THR C 93 16.36 -4.43 27.19
N SER C 94 15.49 -3.49 26.75
CA SER C 94 15.87 -2.27 26.05
C SER C 94 16.60 -1.32 26.99
N LYS C 95 17.85 -0.97 26.63
CA LYS C 95 18.72 -0.05 27.38
C LYS C 95 18.37 1.36 26.97
N THR C 96 17.11 1.76 27.25
CA THR C 96 16.57 3.08 26.87
C THR C 96 15.36 3.47 27.70
N GLY C 97 15.18 4.78 27.87
CA GLY C 97 14.04 5.37 28.56
C GLY C 97 13.86 4.85 29.97
N ILE C 98 12.60 4.65 30.38
CA ILE C 98 12.22 4.18 31.72
C ILE C 98 12.74 2.74 31.97
N ASN C 99 12.99 1.95 30.89
CA ASN C 99 13.49 0.58 31.01
C ASN C 99 15.00 0.48 31.25
N GLU C 100 15.76 1.58 31.14
CA GLU C 100 17.22 1.50 31.26
C GLU C 100 17.75 0.83 32.50
N ASN C 101 17.20 1.19 33.68
CA ASN C 101 17.64 0.66 34.96
C ASN C 101 17.44 -0.84 35.01
N TYR C 102 16.24 -1.30 34.61
CA TYR C 102 15.96 -2.73 34.57
C TYR C 102 16.83 -3.43 33.53
N ALA C 103 17.04 -2.82 32.35
CA ALA C 103 17.90 -3.44 31.32
C ALA C 103 19.34 -3.68 31.80
N LYS C 104 19.86 -2.80 32.65
CA LYS C 104 21.20 -2.94 33.23
C LYS C 104 21.25 -4.08 34.27
N LYS C 105 20.16 -4.24 35.03
CA LYS C 105 19.99 -5.27 36.05
C LYS C 105 19.93 -6.63 35.34
N PHE C 106 19.17 -6.69 34.24
CA PHE C 106 19.04 -7.92 33.43
C PHE C 106 20.40 -8.35 32.84
N LYS C 107 21.12 -7.40 32.20
CA LYS C 107 22.46 -7.58 31.64
C LYS C 107 23.41 -8.17 32.72
N THR C 108 23.41 -7.60 33.95
CA THR C 108 24.23 -8.10 35.08
C THR C 108 23.86 -9.57 35.39
N GLY C 109 22.58 -9.87 35.51
CA GLY C 109 22.05 -11.21 35.77
C GLY C 109 22.48 -12.22 34.73
N MET C 110 22.44 -11.82 33.45
CA MET C 110 22.87 -12.64 32.32
C MET C 110 24.37 -12.90 32.34
N HIS C 111 25.18 -11.88 32.76
CA HIS C 111 26.64 -12.01 32.87
C HIS C 111 27.03 -12.97 34.00
N HIS C 112 26.18 -13.06 35.03
CA HIS C 112 26.39 -13.96 36.15
C HIS C 112 25.89 -15.34 35.79
N LEU C 113 24.75 -15.41 35.05
CA LEU C 113 24.16 -16.67 34.61
C LEU C 113 25.03 -17.38 33.57
N TYR C 114 25.35 -16.69 32.46
CA TYR C 114 26.15 -17.25 31.36
C TYR C 114 27.62 -16.87 31.48
N ARG C 115 28.51 -17.87 31.32
CA ARG C 115 29.98 -17.74 31.41
C ARG C 115 30.47 -16.56 30.56
N GLU C 116 30.11 -16.56 29.27
CA GLU C 116 30.44 -15.51 28.31
C GLU C 116 29.11 -14.97 27.72
N TYR C 117 28.45 -14.01 28.41
CA TYR C 117 27.22 -13.44 27.90
C TYR C 117 27.53 -12.50 26.74
N PRO C 118 27.15 -12.88 25.51
CA PRO C 118 27.46 -12.01 24.35
C PRO C 118 26.33 -11.00 24.18
N ASP C 119 26.37 -9.92 24.97
CA ASP C 119 25.34 -8.88 25.00
C ASP C 119 25.09 -8.18 23.67
N SER C 120 23.91 -8.42 23.08
CA SER C 120 23.54 -7.83 21.79
C SER C 120 22.56 -6.65 21.90
N CYS C 121 22.16 -6.27 23.12
CA CYS C 121 21.25 -5.16 23.29
C CYS C 121 22.05 -3.86 23.26
N LEU C 122 21.93 -3.11 22.16
CA LEU C 122 22.67 -1.85 22.01
C LEU C 122 22.04 -0.73 22.81
N ASP C 123 22.88 0.17 23.32
CA ASP C 123 22.45 1.32 24.08
C ASP C 123 21.48 2.19 23.24
N GLY C 124 20.33 2.51 23.81
CA GLY C 124 19.26 3.29 23.20
C GLY C 124 18.38 2.56 22.21
N LYS C 125 18.61 1.24 21.99
CA LYS C 125 17.89 0.45 20.97
C LYS C 125 16.82 -0.47 21.56
N LEU C 126 15.67 -0.60 20.87
CA LEU C 126 14.63 -1.55 21.28
C LEU C 126 15.25 -2.99 21.17
N CYS C 127 15.20 -3.76 22.27
CA CYS C 127 15.79 -5.10 22.36
C CYS C 127 14.92 -5.92 23.31
N LEU C 128 14.31 -6.99 22.78
CA LEU C 128 13.41 -7.84 23.56
C LEU C 128 13.88 -9.27 23.57
N MET C 129 13.94 -9.85 24.78
CA MET C 129 14.35 -11.21 24.98
C MET C 129 13.14 -12.11 24.81
N LYS C 130 13.20 -13.08 23.88
CA LYS C 130 12.11 -14.07 23.72
C LYS C 130 12.67 -15.46 23.98
N ALA C 131 12.01 -16.19 24.88
CA ALA C 131 12.39 -17.57 25.19
C ALA C 131 11.35 -18.48 24.55
N GLN C 132 11.81 -19.41 23.71
CA GLN C 132 10.95 -20.34 22.96
C GLN C 132 11.46 -21.77 23.04
N PRO C 133 10.56 -22.79 22.96
CA PRO C 133 11.06 -24.17 23.01
C PRO C 133 11.91 -24.49 21.80
N THR C 134 12.94 -25.30 22.02
CA THR C 134 13.78 -25.82 20.95
C THR C 134 14.37 -27.16 21.36
N SER C 135 14.76 -28.02 20.40
CA SER C 135 15.42 -29.28 20.78
C SER C 135 16.83 -28.88 21.24
N TRP C 136 17.30 -29.53 22.29
CA TRP C 136 18.62 -29.24 22.83
C TRP C 136 19.66 -29.44 21.72
N PRO C 137 20.44 -28.42 21.33
CA PRO C 137 21.38 -28.61 20.22
C PRO C 137 22.39 -29.72 20.44
N LEU C 138 22.74 -30.42 19.34
CA LEU C 138 23.66 -31.55 19.33
C LEU C 138 25.07 -31.17 19.81
N GLN C 139 25.52 -29.92 19.53
CA GLN C 139 26.85 -29.41 19.90
C GLN C 139 26.94 -28.90 21.35
N CYS C 140 25.80 -28.77 22.02
CA CYS C 140 25.73 -28.32 23.42
C CYS C 140 26.22 -29.43 24.39
N PRO C 141 26.63 -29.10 25.63
CA PRO C 141 27.08 -30.16 26.56
C PRO C 141 25.97 -31.12 27.04
C1 NAG D . 10.36 -1.77 25.89
C2 NAG D . 8.97 -1.51 25.32
C3 NAG D . 8.93 -0.18 24.56
C4 NAG D . 9.55 0.94 25.39
C5 NAG D . 10.96 0.55 25.83
C6 NAG D . 11.68 1.60 26.66
C7 NAG D . 7.82 -3.64 24.86
C8 NAG D . 7.36 -4.58 23.79
N2 NAG D . 8.55 -2.60 24.45
O3 NAG D . 7.57 0.10 24.23
O4 NAG D . 9.58 2.12 24.60
O5 NAG D . 10.90 -0.65 26.61
O6 NAG D . 10.98 1.95 27.86
O7 NAG D . 7.59 -3.84 26.05
C1 NAG D . 8.78 3.22 25.01
C2 NAG D . 9.06 4.37 24.05
C3 NAG D . 8.12 5.54 24.31
C4 NAG D . 6.67 5.08 24.41
C5 NAG D . 6.52 3.91 25.38
C6 NAG D . 5.13 3.32 25.44
C7 NAG D . 11.31 4.60 23.09
C8 NAG D . 12.71 5.11 23.30
N2 NAG D . 10.46 4.80 24.10
O3 NAG D . 8.23 6.46 23.23
O4 NAG D . 5.86 6.17 24.83
O5 NAG D . 7.40 2.85 24.96
O6 NAG D . 4.71 2.78 24.19
O7 NAG D . 10.98 4.02 22.05
C1 BMA D . 4.78 6.51 24.01
C2 BMA D . 3.79 7.31 24.84
C3 BMA D . 2.62 7.79 23.97
C4 BMA D . 3.11 8.46 22.70
C5 BMA D . 4.13 7.58 21.97
C6 BMA D . 4.76 8.22 20.75
O2 BMA D . 4.44 8.42 25.46
O3 BMA D . 1.76 8.65 24.72
O4 BMA D . 2.00 8.73 21.85
O5 BMA D . 5.20 7.25 22.87
O6 BMA D . 5.44 9.42 21.10
C1 MAN D . 5.66 10.32 20.06
C2 MAN D . 6.46 11.52 20.59
C3 MAN D . 5.60 12.47 21.42
C4 MAN D . 4.30 12.83 20.71
C5 MAN D . 3.59 11.57 20.24
C6 MAN D . 2.32 11.83 19.44
O2 MAN D . 7.11 12.21 19.53
O3 MAN D . 6.35 13.66 21.69
O4 MAN D . 3.45 13.53 21.62
O5 MAN D . 4.46 10.78 19.41
O6 MAN D . 2.55 12.52 18.22
C1 MAN D . 6.58 14.10 23.03
C2 MAN D . 7.72 13.28 23.68
C3 MAN D . 7.47 13.07 25.17
C4 MAN D . 6.85 14.30 25.83
C5 MAN D . 5.51 14.67 25.17
C6 MAN D . 5.29 16.15 25.03
O2 MAN D . 8.96 13.94 23.46
O3 MAN D . 8.68 12.71 25.84
O4 MAN D . 6.65 14.07 27.21
O5 MAN D . 5.40 14.07 23.86
O6 MAN D . 5.18 16.81 26.28
C1 MAN D . 1.42 13.20 17.75
C2 MAN D . 1.51 13.30 16.22
C3 MAN D . 2.53 14.36 15.78
C4 MAN D . 2.31 15.68 16.50
C5 MAN D . 2.28 15.45 18.02
C6 MAN D . 1.96 16.71 18.82
O3 MAN D . 2.43 14.56 14.38
O4 MAN D . 3.39 16.57 16.19
O5 MAN D . 1.26 14.49 18.35
O6 MAN D . 2.34 16.56 20.18
C1 MAN D . 0.58 8.10 25.32
C2 MAN D . -0.40 9.24 25.61
C3 MAN D . 0.12 10.14 26.72
C4 MAN D . 0.52 9.35 27.96
C5 MAN D . 1.42 8.15 27.60
C6 MAN D . 1.63 7.20 28.76
O2 MAN D . -1.67 8.70 25.95
O3 MAN D . -0.85 11.12 27.05
O4 MAN D . 1.25 10.18 28.87
O5 MAN D . 0.84 7.38 26.53
O6 MAN D . 2.70 6.29 28.49
C1 NAG E . -6.35 -16.95 28.56
C2 NAG E . -6.80 -15.90 29.57
C3 NAG E . -8.13 -16.35 30.16
C4 NAG E . -9.17 -16.59 29.07
C5 NAG E . -8.63 -17.61 28.07
C6 NAG E . -9.52 -17.79 26.85
C7 NAG E . -5.35 -14.53 31.03
C8 NAG E . -4.36 -14.54 32.16
N2 NAG E . -5.81 -15.72 30.63
O3 NAG E . -8.59 -15.39 31.10
O4 NAG E . -10.37 -17.09 29.65
O5 NAG E . -7.34 -17.19 27.57
O6 NAG E . -9.22 -18.99 26.16
O7 NAG E . -5.70 -13.49 30.50
C1 NAG E . -11.60 -16.39 29.42
C2 NAG E . -12.75 -17.41 29.49
C3 NAG E . -14.11 -16.72 29.43
C4 NAG E . -14.18 -15.60 30.47
C5 NAG E . -13.02 -14.63 30.26
C6 NAG E . -12.97 -13.51 31.26
C7 NAG E . -12.19 -19.65 28.59
C8 NAG E . -12.16 -20.52 27.36
N2 NAG E . -12.64 -18.39 28.40
O3 NAG E . -15.14 -17.68 29.68
O4 NAG E . -15.43 -14.91 30.34
O5 NAG E . -11.77 -15.35 30.37
O6 NAG E . -12.03 -12.51 30.87
O7 NAG E . -11.81 -20.06 29.68
CL CL F . 23.17 -1.34 -9.27
C1 NAG G . 7.44 -33.10 27.61
C2 NAG G . 7.99 -33.27 26.18
C3 NAG G . 6.75 -33.64 25.36
C4 NAG G . 6.12 -34.93 25.86
C5 NAG G . 5.80 -34.85 27.35
C6 NAG G . 5.44 -36.18 27.97
C7 NAG G . 9.65 -32.12 24.75
C8 NAG G . 9.98 -30.84 24.05
N2 NAG G . 8.64 -32.08 25.64
O3 NAG G . 7.10 -33.77 23.98
O4 NAG G . 4.91 -35.18 25.14
O5 NAG G . 6.95 -34.36 28.07
O6 NAG G . 5.34 -36.09 29.39
O7 NAG G . 10.26 -33.17 24.51
#